data_7BWB
#
_entry.id   7BWB
#
_cell.length_a   94.752
_cell.length_b   119.308
_cell.length_c   100.275
_cell.angle_alpha   90.000
_cell.angle_beta   90.000
_cell.angle_gamma   90.000
#
_symmetry.space_group_name_H-M   'C 2 2 21'
#
loop_
_entity.id
_entity.type
_entity.pdbx_description
1 polymer Beta-fructofuranosidase
2 water water
#
_entity_poly.entity_id   1
_entity_poly.type   'polypeptide(L)'
_entity_poly.pdbx_seq_one_letter_code
;MGSSHHHHHHSSGLVPRGSHMLRQQNETAKRELEEYIADKKAEINPRYRPHYHISPPVGWMNDPNGFSYYKGKFHLFYQF
YPYDSVWGPMHWGHVSSSNLIDWEHLPTALIPETEMCFSGGAVVHGDDLVLLYTGRVTTDTDPFYNETQYLAFSNDGVNF
RKYEGNPVLSYVPDNSADFRDPKIWKFKDHWYVVIGSSSNKQGRVLLYRSGDLFNWEFLSVLGESDGDMGYMWECPDLFE
LGGKTIFLWSPQGLEPKGDRYKNTYQTGYYIGELDYETFEFKTDKYFQELDYGHDFYATQTIQGDGKTYLIGWFNMWEVP
HLEEEDGWAGTTTLVRELQLIGTRITMNPLEGIQDLRTDSVHNGDLEPQQAIEFGPTAEIILQGCLDQKIELLIQGKEGG
LVTTVTWDPEVGKVIVNRSGEVRQVEWVPIGKTSWRLFLDASSLELFCGEGEVVFSSRIFSDGDWVVKNSSPQTLSVEAY
RLRRSVPA
;
_entity_poly.pdbx_strand_id   A
#
# COMPACT_ATOMS: atom_id res chain seq x y z
N GLN A 25 -14.81 -22.60 -12.14
CA GLN A 25 -14.52 -22.57 -10.66
C GLN A 25 -14.99 -23.88 -9.97
N ASN A 26 -14.28 -24.33 -8.93
CA ASN A 26 -14.70 -25.48 -8.08
C ASN A 26 -15.76 -24.96 -7.10
N GLU A 27 -17.02 -25.31 -7.32
CA GLU A 27 -18.20 -24.73 -6.62
C GLU A 27 -18.18 -25.10 -5.13
N THR A 28 -17.76 -26.32 -4.78
CA THR A 28 -17.57 -26.82 -3.39
C THR A 28 -16.55 -25.90 -2.66
N ALA A 29 -15.36 -25.69 -3.23
CA ALA A 29 -14.30 -24.84 -2.62
C ALA A 29 -14.86 -23.43 -2.42
N LYS A 30 -15.56 -22.90 -3.43
CA LYS A 30 -16.14 -21.53 -3.38
C LYS A 30 -17.11 -21.44 -2.21
N ARG A 31 -18.26 -22.14 -2.27
CA ARG A 31 -19.38 -22.04 -1.28
C ARG A 31 -18.85 -22.27 0.14
N GLU A 32 -17.92 -23.22 0.33
CA GLU A 32 -17.33 -23.57 1.64
C GLU A 32 -16.64 -22.32 2.22
N LEU A 33 -16.00 -21.51 1.36
CA LEU A 33 -15.30 -20.26 1.76
C LEU A 33 -16.31 -19.15 2.07
N GLU A 34 -17.30 -18.95 1.19
CA GLU A 34 -18.38 -17.94 1.39
C GLU A 34 -18.99 -18.15 2.78
N GLU A 35 -19.38 -19.38 3.11
CA GLU A 35 -20.09 -19.62 4.40
C GLU A 35 -19.09 -19.58 5.56
N TYR A 36 -17.80 -19.93 5.35
CA TYR A 36 -16.77 -19.81 6.42
C TYR A 36 -16.62 -18.32 6.79
N ILE A 37 -16.56 -17.44 5.79
CA ILE A 37 -16.45 -15.97 5.99
C ILE A 37 -17.71 -15.49 6.72
N ALA A 38 -18.89 -15.85 6.21
CA ALA A 38 -20.21 -15.41 6.73
C ALA A 38 -20.35 -15.73 8.23
N ASP A 39 -19.99 -16.95 8.62
CA ASP A 39 -20.07 -17.47 10.02
C ASP A 39 -19.06 -16.73 10.92
N LYS A 40 -17.81 -16.62 10.47
CA LYS A 40 -16.63 -16.19 11.27
C LYS A 40 -16.68 -14.68 11.55
N LYS A 41 -17.54 -13.95 10.85
CA LYS A 41 -17.58 -12.46 10.80
C LYS A 41 -18.03 -11.89 12.15
N ALA A 42 -18.91 -12.60 12.88
CA ALA A 42 -19.43 -12.14 14.20
C ALA A 42 -18.36 -12.32 15.30
N GLU A 43 -17.33 -13.15 15.08
CA GLU A 43 -16.22 -13.40 16.06
C GLU A 43 -15.10 -12.34 15.95
N ILE A 44 -15.24 -11.36 15.05
CA ILE A 44 -14.19 -10.33 14.78
C ILE A 44 -14.34 -9.24 15.85
N ASN A 45 -13.33 -9.05 16.71
CA ASN A 45 -13.37 -7.94 17.70
C ASN A 45 -13.35 -6.62 16.92
N PRO A 46 -14.37 -5.76 17.07
CA PRO A 46 -14.44 -4.52 16.29
C PRO A 46 -13.47 -3.38 16.69
N ARG A 47 -12.82 -3.49 17.85
CA ARG A 47 -12.12 -2.35 18.51
C ARG A 47 -11.12 -1.67 17.58
N TYR A 48 -10.33 -2.40 16.76
CA TYR A 48 -9.27 -1.86 15.88
C TYR A 48 -9.69 -1.84 14.40
N ARG A 49 -10.93 -2.25 14.08
CA ARG A 49 -11.40 -2.33 12.67
C ARG A 49 -11.56 -0.93 12.06
N PRO A 50 -11.01 -0.68 10.87
CA PRO A 50 -11.07 0.64 10.27
C PRO A 50 -12.46 1.04 9.80
N HIS A 51 -12.77 2.32 9.93
CA HIS A 51 -14.04 2.93 9.47
C HIS A 51 -13.94 3.28 7.97
N TYR A 52 -12.75 3.64 7.45
CA TYR A 52 -12.61 4.27 6.10
C TYR A 52 -11.31 3.86 5.38
N HIS A 53 -10.71 2.74 5.80
CA HIS A 53 -9.63 1.97 5.13
C HIS A 53 -10.13 0.55 4.85
N ILE A 54 -9.85 0.00 3.66
CA ILE A 54 -10.27 -1.39 3.30
C ILE A 54 -9.58 -2.37 4.25
N SER A 55 -10.38 -3.22 4.88
CA SER A 55 -9.93 -4.38 5.70
C SER A 55 -10.52 -5.67 5.13
N PRO A 56 -9.87 -6.84 5.33
CA PRO A 56 -10.48 -8.11 4.92
C PRO A 56 -11.71 -8.37 5.78
N PRO A 57 -12.74 -9.08 5.29
CA PRO A 57 -13.95 -9.29 6.09
C PRO A 57 -13.60 -10.14 7.33
N VAL A 58 -12.67 -11.08 7.16
CA VAL A 58 -12.09 -11.94 8.22
C VAL A 58 -10.65 -12.27 7.83
N GLY A 59 -9.83 -12.71 8.80
CA GLY A 59 -8.46 -13.21 8.55
C GLY A 59 -7.51 -12.16 7.98
N TRP A 60 -6.57 -12.60 7.15
CA TRP A 60 -5.29 -11.89 6.87
C TRP A 60 -5.29 -11.27 5.47
N MET A 61 -4.79 -10.05 5.38
CA MET A 61 -4.55 -9.27 4.13
C MET A 61 -3.07 -8.89 4.07
N ASN A 62 -2.45 -8.98 2.89
CA ASN A 62 -1.19 -8.26 2.60
C ASN A 62 -1.36 -7.55 1.25
N ASP A 63 -0.34 -7.60 0.39
CA ASP A 63 -0.15 -6.74 -0.79
C ASP A 63 -1.46 -6.51 -1.55
N PRO A 64 -1.82 -5.25 -1.87
CA PRO A 64 -2.89 -4.99 -2.85
C PRO A 64 -2.46 -5.44 -4.26
N ASN A 65 -3.42 -5.88 -5.04
CA ASN A 65 -3.19 -6.62 -6.30
C ASN A 65 -4.19 -6.07 -7.33
N GLY A 66 -3.78 -5.99 -8.59
CA GLY A 66 -4.70 -5.84 -9.75
C GLY A 66 -5.55 -4.58 -9.69
N PHE A 67 -4.99 -3.46 -9.23
CA PHE A 67 -5.68 -2.15 -9.23
C PHE A 67 -6.13 -1.85 -10.66
N SER A 68 -7.41 -1.59 -10.88
CA SER A 68 -7.97 -1.52 -12.25
C SER A 68 -9.29 -0.74 -12.29
N TYR A 69 -9.71 -0.38 -13.50
CA TYR A 69 -10.98 0.35 -13.76
C TYR A 69 -11.75 -0.42 -14.84
N TYR A 70 -12.94 -0.90 -14.50
CA TYR A 70 -13.67 -1.89 -15.32
C TYR A 70 -15.17 -1.68 -15.17
N LYS A 71 -15.82 -1.50 -16.32
CA LYS A 71 -17.28 -1.19 -16.45
C LYS A 71 -17.68 -0.19 -15.35
N GLY A 72 -17.03 0.97 -15.29
CA GLY A 72 -17.52 2.13 -14.52
C GLY A 72 -17.13 2.09 -13.04
N LYS A 73 -16.31 1.13 -12.61
CA LYS A 73 -15.85 1.05 -11.19
C LYS A 73 -14.36 0.76 -11.12
N PHE A 74 -13.70 1.29 -10.09
CA PHE A 74 -12.35 0.86 -9.66
C PHE A 74 -12.46 -0.50 -8.98
N HIS A 75 -11.59 -1.43 -9.37
CA HIS A 75 -11.45 -2.75 -8.71
C HIS A 75 -10.09 -2.81 -8.04
N LEU A 76 -10.07 -3.37 -6.85
CA LEU A 76 -8.82 -3.69 -6.14
C LEU A 76 -8.94 -5.11 -5.62
N PHE A 77 -7.86 -5.87 -5.74
CA PHE A 77 -7.72 -7.20 -5.13
C PHE A 77 -6.65 -7.11 -4.05
N TYR A 78 -6.44 -8.19 -3.29
CA TYR A 78 -5.40 -8.19 -2.25
C TYR A 78 -5.06 -9.63 -1.88
N GLN A 79 -3.79 -9.84 -1.58
CA GLN A 79 -3.26 -11.07 -0.94
C GLN A 79 -4.10 -11.35 0.30
N PHE A 80 -4.72 -12.51 0.37
CA PHE A 80 -5.80 -12.84 1.32
C PHE A 80 -5.60 -14.28 1.84
N TYR A 81 -5.49 -14.46 3.16
CA TYR A 81 -5.61 -15.78 3.84
C TYR A 81 -6.83 -15.75 4.74
N PRO A 82 -7.95 -16.36 4.28
CA PRO A 82 -9.23 -16.29 4.99
C PRO A 82 -9.26 -16.86 6.41
N TYR A 83 -8.50 -17.93 6.65
CA TYR A 83 -8.72 -18.90 7.75
C TYR A 83 -7.99 -18.53 9.03
N ASP A 84 -7.11 -17.54 9.02
CA ASP A 84 -6.39 -17.10 10.25
C ASP A 84 -5.91 -15.67 10.02
N SER A 85 -5.49 -15.00 11.11
CA SER A 85 -4.97 -13.61 11.14
C SER A 85 -3.45 -13.61 10.96
N VAL A 86 -2.90 -14.66 10.34
CA VAL A 86 -1.47 -14.79 9.97
C VAL A 86 -1.46 -15.24 8.51
N TRP A 87 -0.28 -15.19 7.87
CA TRP A 87 -0.11 -15.57 6.45
C TRP A 87 -0.39 -17.07 6.28
N GLY A 88 -0.84 -17.44 5.09
CA GLY A 88 -1.13 -18.84 4.72
C GLY A 88 -1.40 -18.96 3.22
N PRO A 89 -1.70 -20.18 2.72
CA PRO A 89 -2.00 -20.39 1.30
C PRO A 89 -2.76 -19.19 0.69
N MET A 90 -2.19 -18.60 -0.35
CA MET A 90 -2.63 -17.26 -0.83
C MET A 90 -3.84 -17.32 -1.76
N HIS A 91 -4.86 -16.53 -1.41
CA HIS A 91 -6.09 -16.26 -2.21
C HIS A 91 -6.01 -14.79 -2.70
N TRP A 92 -6.83 -14.40 -3.68
CA TRP A 92 -7.06 -12.97 -3.99
C TRP A 92 -8.44 -12.52 -3.48
N GLY A 93 -8.46 -11.68 -2.44
CA GLY A 93 -9.65 -10.90 -2.03
C GLY A 93 -9.94 -9.82 -3.08
N HIS A 94 -11.14 -9.21 -2.99
CA HIS A 94 -11.69 -8.35 -4.07
C HIS A 94 -12.71 -7.34 -3.50
N VAL A 95 -12.52 -6.06 -3.83
CA VAL A 95 -13.47 -4.94 -3.50
C VAL A 95 -13.65 -4.08 -4.75
N SER A 96 -14.67 -3.23 -4.77
CA SER A 96 -14.86 -2.20 -5.82
C SER A 96 -15.42 -0.92 -5.19
N SER A 97 -15.28 0.19 -5.93
CA SER A 97 -15.63 1.56 -5.51
C SER A 97 -15.91 2.42 -6.74
N SER A 98 -16.80 3.39 -6.61
CA SER A 98 -17.13 4.40 -7.66
C SER A 98 -16.22 5.60 -7.52
N ASN A 99 -15.67 5.82 -6.32
CA ASN A 99 -15.12 7.14 -5.92
C ASN A 99 -13.76 6.98 -5.22
N LEU A 100 -13.25 5.75 -5.08
CA LEU A 100 -11.97 5.35 -4.40
C LEU A 100 -11.98 5.67 -2.90
N ILE A 101 -13.16 5.89 -2.33
CA ILE A 101 -13.30 6.23 -0.88
C ILE A 101 -14.18 5.16 -0.22
N ASP A 102 -15.37 4.96 -0.79
CA ASP A 102 -16.35 3.93 -0.34
C ASP A 102 -16.08 2.65 -1.12
N TRP A 103 -15.95 1.54 -0.41
CA TRP A 103 -15.56 0.22 -0.97
C TRP A 103 -16.55 -0.82 -0.44
N GLU A 104 -16.93 -1.77 -1.30
CA GLU A 104 -17.81 -2.90 -0.92
C GLU A 104 -17.03 -4.19 -1.20
N HIS A 105 -17.21 -5.22 -0.37
CA HIS A 105 -16.61 -6.57 -0.56
C HIS A 105 -17.32 -7.30 -1.70
N LEU A 106 -16.55 -8.07 -2.46
CA LEU A 106 -17.04 -9.03 -3.47
C LEU A 106 -16.56 -10.41 -3.05
N PRO A 107 -17.11 -11.50 -3.62
CA PRO A 107 -16.62 -12.85 -3.34
C PRO A 107 -15.15 -12.89 -3.75
N THR A 108 -14.42 -13.70 -3.05
CA THR A 108 -12.99 -14.05 -3.25
C THR A 108 -12.78 -14.36 -4.72
N ALA A 109 -11.80 -13.75 -5.35
CA ALA A 109 -11.63 -13.83 -6.82
C ALA A 109 -10.82 -15.07 -7.20
N LEU A 110 -9.77 -15.42 -6.45
CA LEU A 110 -8.88 -16.58 -6.76
C LEU A 110 -8.67 -17.43 -5.50
N ILE A 111 -8.79 -18.75 -5.65
CA ILE A 111 -8.53 -19.74 -4.56
C ILE A 111 -7.33 -20.59 -4.98
N PRO A 112 -6.37 -20.86 -4.08
CA PRO A 112 -5.22 -21.70 -4.40
C PRO A 112 -5.66 -23.12 -4.81
N GLU A 113 -4.86 -23.74 -5.68
CA GLU A 113 -5.00 -25.14 -6.14
C GLU A 113 -3.63 -25.78 -6.03
N THR A 114 -3.04 -26.27 -7.13
CA THR A 114 -1.62 -26.70 -7.13
C THR A 114 -0.78 -25.45 -6.84
N GLU A 115 -1.22 -24.28 -7.32
CA GLU A 115 -0.52 -22.97 -7.16
C GLU A 115 -1.20 -22.11 -6.08
N MET A 116 -0.38 -21.44 -5.26
CA MET A 116 -0.84 -20.33 -4.40
C MET A 116 -0.96 -19.09 -5.30
N CYS A 117 -2.03 -18.30 -5.12
CA CYS A 117 -2.33 -17.08 -5.91
C CYS A 117 -1.58 -15.87 -5.32
N PHE A 118 -0.28 -15.77 -5.66
CA PHE A 118 0.65 -14.70 -5.25
C PHE A 118 0.31 -13.44 -6.05
N SER A 119 1.02 -12.36 -5.81
CA SER A 119 0.64 -10.99 -6.22
C SER A 119 0.63 -10.84 -7.74
N GLY A 120 -0.04 -9.80 -8.22
CA GLY A 120 -0.09 -9.55 -9.67
C GLY A 120 -0.94 -8.35 -10.01
N GLY A 121 -1.21 -8.19 -11.30
CA GLY A 121 -1.82 -6.99 -11.86
C GLY A 121 -3.10 -7.35 -12.56
N ALA A 122 -3.71 -6.37 -13.21
CA ALA A 122 -4.96 -6.54 -13.98
C ALA A 122 -4.96 -5.53 -15.14
N VAL A 123 -5.52 -5.91 -16.27
CA VAL A 123 -5.83 -4.94 -17.34
C VAL A 123 -7.17 -5.35 -17.95
N VAL A 124 -7.85 -4.40 -18.56
CA VAL A 124 -9.11 -4.63 -19.32
C VAL A 124 -8.70 -4.78 -20.79
N HIS A 125 -9.10 -5.86 -21.44
CA HIS A 125 -8.71 -6.10 -22.85
C HIS A 125 -9.85 -5.61 -23.73
N GLY A 126 -11.01 -6.26 -23.62
CA GLY A 126 -12.23 -5.93 -24.37
C GLY A 126 -13.38 -5.87 -23.40
N ASP A 127 -14.21 -6.90 -23.42
CA ASP A 127 -15.31 -7.06 -22.43
C ASP A 127 -14.78 -7.63 -21.10
N ASP A 128 -13.50 -8.08 -21.07
CA ASP A 128 -12.92 -8.85 -19.92
C ASP A 128 -11.92 -8.02 -19.11
N LEU A 129 -12.07 -8.11 -17.79
CA LEU A 129 -11.01 -7.84 -16.79
C LEU A 129 -10.08 -9.08 -16.76
N VAL A 130 -8.78 -8.81 -17.08
CA VAL A 130 -7.76 -9.90 -17.15
C VAL A 130 -6.86 -9.77 -15.92
N LEU A 131 -6.67 -10.85 -15.14
CA LEU A 131 -5.69 -10.88 -14.03
C LEU A 131 -4.42 -11.56 -14.54
N LEU A 132 -3.26 -10.99 -14.27
CA LEU A 132 -1.96 -11.67 -14.44
C LEU A 132 -1.32 -11.76 -13.05
N TYR A 133 -1.23 -12.97 -12.51
CA TYR A 133 -0.76 -13.23 -11.13
C TYR A 133 0.29 -14.33 -11.17
N THR A 134 1.13 -14.35 -10.13
CA THR A 134 2.18 -15.38 -9.94
C THR A 134 1.55 -16.62 -9.27
N GLY A 135 1.74 -17.77 -9.90
CA GLY A 135 1.50 -19.07 -9.27
C GLY A 135 2.76 -19.61 -8.65
N ARG A 136 2.79 -19.72 -7.32
CA ARG A 136 3.87 -20.45 -6.59
C ARG A 136 3.38 -21.88 -6.37
N VAL A 137 4.14 -22.87 -6.87
CA VAL A 137 3.92 -24.31 -6.62
C VAL A 137 5.12 -24.87 -5.83
N THR A 138 4.88 -25.91 -5.03
CA THR A 138 5.86 -26.69 -4.25
C THR A 138 6.73 -27.55 -5.18
N THR A 139 7.99 -27.79 -4.80
CA THR A 139 8.92 -28.77 -5.43
C THR A 139 9.67 -29.54 -4.34
N ASP A 140 10.59 -30.44 -4.76
CA ASP A 140 11.36 -31.36 -3.89
C ASP A 140 12.87 -31.06 -3.97
N THR A 141 13.26 -29.95 -4.60
CA THR A 141 14.69 -29.50 -4.75
C THR A 141 14.90 -28.22 -3.93
N ASP A 142 16.13 -27.98 -3.45
CA ASP A 142 16.51 -27.04 -2.36
C ASP A 142 15.62 -25.80 -2.30
N PRO A 143 15.34 -25.07 -3.41
CA PRO A 143 14.41 -23.94 -3.34
C PRO A 143 13.08 -24.36 -2.66
N PHE A 144 12.49 -25.47 -3.12
CA PHE A 144 11.25 -26.13 -2.64
C PHE A 144 10.01 -25.38 -3.16
N TYR A 145 10.18 -24.41 -4.05
CA TYR A 145 9.07 -23.71 -4.76
C TYR A 145 9.55 -23.27 -6.15
N ASN A 146 8.64 -23.15 -7.13
CA ASN A 146 8.97 -22.31 -8.31
C ASN A 146 7.80 -21.38 -8.59
N GLU A 147 8.06 -20.29 -9.25
CA GLU A 147 7.08 -19.22 -9.50
C GLU A 147 7.01 -19.00 -11.00
N THR A 148 5.81 -19.00 -11.54
CA THR A 148 5.50 -18.70 -12.97
C THR A 148 4.25 -17.82 -12.99
N GLN A 149 3.96 -17.21 -14.15
CA GLN A 149 2.85 -16.23 -14.29
C GLN A 149 1.64 -16.94 -14.93
N TYR A 150 0.50 -16.80 -14.27
CA TYR A 150 -0.82 -17.41 -14.61
C TYR A 150 -1.80 -16.30 -15.00
N LEU A 151 -2.75 -16.60 -15.88
CA LEU A 151 -3.85 -15.69 -16.30
C LEU A 151 -5.20 -16.21 -15.77
N ALA A 152 -6.11 -15.26 -15.53
CA ALA A 152 -7.52 -15.49 -15.19
C ALA A 152 -8.34 -14.37 -15.83
N PHE A 153 -9.56 -14.71 -16.29
CA PHE A 153 -10.48 -13.78 -17.00
C PHE A 153 -11.81 -13.73 -16.26
N SER A 154 -12.38 -12.52 -16.19
CA SER A 154 -13.80 -12.30 -15.82
C SER A 154 -14.47 -11.46 -16.90
N ASN A 155 -15.75 -11.79 -17.11
CA ASN A 155 -16.53 -11.01 -18.10
C ASN A 155 -17.62 -10.19 -17.38
N ASP A 156 -17.82 -10.39 -16.07
CA ASP A 156 -18.91 -9.82 -15.24
C ASP A 156 -18.34 -9.03 -14.04
N GLY A 157 -17.01 -9.04 -13.81
CA GLY A 157 -16.34 -8.38 -12.66
C GLY A 157 -16.44 -9.17 -11.36
N VAL A 158 -16.95 -10.41 -11.38
CA VAL A 158 -17.23 -11.16 -10.12
C VAL A 158 -16.59 -12.55 -10.17
N ASN A 159 -16.87 -13.28 -11.24
CA ASN A 159 -16.36 -14.65 -11.43
C ASN A 159 -15.12 -14.59 -12.33
N PHE A 160 -14.06 -15.27 -11.86
CA PHE A 160 -12.71 -15.34 -12.47
C PHE A 160 -12.38 -16.81 -12.71
N ARG A 161 -12.11 -17.17 -13.98
CA ARG A 161 -11.64 -18.53 -14.37
C ARG A 161 -10.19 -18.43 -14.86
N LYS A 162 -9.37 -19.35 -14.31
CA LYS A 162 -7.94 -19.57 -14.67
C LYS A 162 -7.84 -20.15 -16.08
N TYR A 163 -6.81 -19.73 -16.82
CA TYR A 163 -6.52 -20.23 -18.19
C TYR A 163 -6.01 -21.67 -18.08
N GLU A 164 -6.58 -22.55 -18.91
CA GLU A 164 -6.38 -24.02 -18.94
C GLU A 164 -4.86 -24.33 -19.04
N GLY A 165 -4.11 -23.55 -19.84
CA GLY A 165 -2.68 -23.78 -20.13
C GLY A 165 -1.76 -22.88 -19.30
N ASN A 166 -2.13 -22.56 -18.07
CA ASN A 166 -1.23 -21.82 -17.14
C ASN A 166 -0.04 -22.72 -16.80
N PRO A 167 1.20 -22.20 -16.65
CA PRO A 167 1.51 -20.77 -16.75
C PRO A 167 1.79 -20.29 -18.18
N VAL A 168 1.58 -19.00 -18.45
CA VAL A 168 1.78 -18.39 -19.80
C VAL A 168 3.22 -17.87 -19.96
N LEU A 169 3.85 -17.53 -18.83
CA LEU A 169 5.25 -17.06 -18.80
C LEU A 169 6.00 -17.84 -17.71
N SER A 170 7.01 -18.59 -18.11
CA SER A 170 7.81 -19.43 -17.19
C SER A 170 9.28 -19.02 -17.23
N TYR A 171 9.77 -18.48 -18.36
CA TYR A 171 11.21 -18.20 -18.55
C TYR A 171 11.61 -17.05 -17.64
N VAL A 172 12.61 -17.29 -16.79
CA VAL A 172 13.29 -16.27 -15.94
C VAL A 172 14.80 -16.43 -16.11
N PRO A 173 15.55 -15.36 -16.42
CA PRO A 173 17.00 -15.46 -16.53
C PRO A 173 17.69 -16.08 -15.29
N ASP A 174 18.74 -16.86 -15.51
CA ASP A 174 19.52 -17.63 -14.49
C ASP A 174 18.64 -18.62 -13.73
N ASN A 175 17.46 -18.93 -14.27
CA ASN A 175 16.49 -19.91 -13.70
C ASN A 175 16.26 -19.62 -12.22
N SER A 176 16.19 -18.35 -11.85
CA SER A 176 15.91 -17.92 -10.46
C SER A 176 14.57 -18.53 -10.01
N ALA A 177 14.52 -19.08 -8.80
CA ALA A 177 13.29 -19.60 -8.16
C ALA A 177 12.32 -18.43 -7.87
N ASP A 178 12.84 -17.22 -7.69
CA ASP A 178 12.04 -15.99 -7.43
C ASP A 178 11.63 -15.35 -8.77
N PHE A 179 10.34 -15.19 -8.98
CA PHE A 179 9.81 -14.68 -10.27
C PHE A 179 8.37 -14.26 -10.05
N ARG A 180 8.12 -13.06 -9.48
CA ARG A 180 6.76 -12.76 -8.96
C ARG A 180 6.38 -11.28 -9.05
N ASP A 181 5.07 -11.05 -8.92
CA ASP A 181 4.43 -9.74 -8.71
C ASP A 181 4.43 -8.98 -10.02
N PRO A 182 3.88 -9.56 -11.12
CA PRO A 182 3.81 -8.84 -12.38
C PRO A 182 2.95 -7.57 -12.27
N LYS A 183 3.36 -6.50 -12.92
CA LYS A 183 2.56 -5.26 -13.13
C LYS A 183 2.50 -5.06 -14.65
N ILE A 184 1.29 -5.12 -15.20
CA ILE A 184 1.08 -5.13 -16.68
C ILE A 184 0.43 -3.80 -17.09
N TRP A 185 0.83 -3.25 -18.25
CA TRP A 185 0.17 -2.04 -18.82
C TRP A 185 0.23 -2.15 -20.33
N LYS A 186 -0.59 -1.36 -21.01
CA LYS A 186 -0.60 -1.35 -22.49
C LYS A 186 0.11 -0.07 -22.91
N PHE A 187 1.00 -0.19 -23.89
CA PHE A 187 1.63 0.97 -24.58
C PHE A 187 1.65 0.67 -26.08
N LYS A 188 0.85 1.41 -26.84
CA LYS A 188 0.65 1.14 -28.30
C LYS A 188 0.16 -0.30 -28.46
N ASP A 189 0.89 -1.14 -29.21
CA ASP A 189 0.40 -2.46 -29.71
C ASP A 189 0.99 -3.59 -28.88
N HIS A 190 1.55 -3.30 -27.71
CA HIS A 190 2.10 -4.33 -26.81
C HIS A 190 1.65 -4.05 -25.38
N TRP A 191 1.33 -5.12 -24.67
CA TRP A 191 1.26 -5.15 -23.18
C TRP A 191 2.68 -5.35 -22.69
N TYR A 192 3.07 -4.59 -21.67
CA TYR A 192 4.39 -4.67 -21.03
C TYR A 192 4.14 -5.16 -19.62
N VAL A 193 5.13 -5.86 -19.06
CA VAL A 193 5.07 -6.32 -17.65
C VAL A 193 6.45 -6.15 -17.00
N VAL A 194 6.48 -5.62 -15.78
CA VAL A 194 7.71 -5.67 -14.93
C VAL A 194 7.48 -6.75 -13.86
N ILE A 195 8.50 -7.56 -13.57
CA ILE A 195 8.37 -8.73 -12.65
C ILE A 195 9.59 -8.80 -11.73
N GLY A 196 9.34 -9.13 -10.46
CA GLY A 196 10.39 -9.17 -9.43
C GLY A 196 11.16 -10.47 -9.47
N SER A 197 12.48 -10.41 -9.33
CA SER A 197 13.33 -11.62 -9.32
C SER A 197 14.56 -11.37 -8.46
N SER A 198 15.42 -12.38 -8.43
CA SER A 198 16.75 -12.37 -7.79
C SER A 198 17.73 -13.18 -8.64
N SER A 199 19.01 -12.90 -8.48
CA SER A 199 20.11 -13.69 -9.09
C SER A 199 21.35 -13.51 -8.22
N ASN A 200 21.91 -14.62 -7.72
CA ASN A 200 23.15 -14.58 -6.91
C ASN A 200 22.92 -13.65 -5.70
N LYS A 201 21.73 -13.72 -5.09
CA LYS A 201 21.35 -12.98 -3.85
C LYS A 201 21.32 -11.47 -4.12
N GLN A 202 21.09 -11.07 -5.37
CA GLN A 202 20.92 -9.65 -5.76
C GLN A 202 19.51 -9.49 -6.34
N GLY A 203 18.73 -8.54 -5.84
CA GLY A 203 17.38 -8.25 -6.32
C GLY A 203 17.43 -7.66 -7.72
N ARG A 204 16.38 -7.87 -8.51
CA ARG A 204 16.35 -7.33 -9.89
C ARG A 204 14.91 -7.28 -10.38
N VAL A 205 14.68 -6.48 -11.42
CA VAL A 205 13.34 -6.39 -12.07
C VAL A 205 13.54 -6.71 -13.54
N LEU A 206 12.61 -7.46 -14.10
CA LEU A 206 12.66 -7.97 -15.48
C LEU A 206 11.54 -7.31 -16.27
N LEU A 207 11.79 -7.00 -17.53
CA LEU A 207 10.77 -6.43 -18.45
C LEU A 207 10.52 -7.42 -19.59
N TYR A 208 9.25 -7.75 -19.81
CA TYR A 208 8.74 -8.61 -20.92
C TYR A 208 7.66 -7.85 -21.68
N ARG A 209 7.32 -8.29 -22.87
CA ARG A 209 6.14 -7.74 -23.58
C ARG A 209 5.48 -8.82 -24.43
N SER A 210 4.22 -8.58 -24.83
CA SER A 210 3.35 -9.56 -25.52
C SER A 210 2.35 -8.83 -26.43
N GLY A 211 2.00 -9.45 -27.55
CA GLY A 211 1.06 -8.90 -28.54
C GLY A 211 -0.36 -9.36 -28.24
N ASP A 212 -0.50 -10.29 -27.28
CA ASP A 212 -1.71 -11.13 -27.18
C ASP A 212 -1.94 -11.66 -25.75
N LEU A 213 -1.10 -11.28 -24.76
CA LEU A 213 -1.25 -11.65 -23.32
C LEU A 213 -0.82 -13.10 -23.03
N PHE A 214 -0.72 -13.99 -24.02
CA PHE A 214 -0.45 -15.45 -23.83
C PHE A 214 1.03 -15.77 -24.10
N ASN A 215 1.62 -15.09 -25.08
CA ASN A 215 3.02 -15.32 -25.51
C ASN A 215 3.87 -14.11 -25.10
N TRP A 216 4.85 -14.37 -24.24
CA TRP A 216 5.68 -13.32 -23.63
C TRP A 216 7.13 -13.43 -24.09
N GLU A 217 7.68 -12.30 -24.53
CA GLU A 217 9.06 -12.09 -25.01
C GLU A 217 9.86 -11.38 -23.90
N PHE A 218 10.95 -11.98 -23.41
CA PHE A 218 11.89 -11.32 -22.47
C PHE A 218 12.60 -10.17 -23.19
N LEU A 219 12.62 -8.97 -22.60
CA LEU A 219 13.25 -7.76 -23.19
C LEU A 219 14.55 -7.43 -22.46
N SER A 220 14.54 -7.30 -21.14
CA SER A 220 15.76 -6.84 -20.43
C SER A 220 15.64 -7.01 -18.94
N VAL A 221 16.80 -7.03 -18.29
CA VAL A 221 16.91 -6.80 -16.83
C VAL A 221 16.84 -5.28 -16.68
N LEU A 222 15.72 -4.73 -16.20
CA LEU A 222 15.51 -3.25 -16.17
C LEU A 222 16.38 -2.61 -15.07
N GLY A 223 16.66 -3.35 -14.01
CA GLY A 223 17.53 -2.92 -12.90
C GLY A 223 17.98 -4.11 -12.06
N GLU A 224 19.07 -3.94 -11.31
CA GLU A 224 19.58 -5.01 -10.45
C GLU A 224 20.41 -4.37 -9.33
N SER A 225 20.31 -4.91 -8.12
CA SER A 225 21.11 -4.51 -6.95
C SER A 225 22.58 -4.65 -7.32
N ASP A 226 23.35 -3.59 -7.12
CA ASP A 226 24.83 -3.55 -7.30
C ASP A 226 25.50 -4.08 -6.03
N GLY A 227 24.72 -4.56 -5.04
CA GLY A 227 25.19 -5.06 -3.74
C GLY A 227 24.52 -4.41 -2.53
N ASP A 228 24.00 -3.19 -2.64
CA ASP A 228 23.49 -2.38 -1.50
C ASP A 228 21.96 -2.31 -1.50
N MET A 229 21.30 -2.84 -2.53
CA MET A 229 19.84 -2.62 -2.72
C MET A 229 19.06 -3.91 -2.52
N GLY A 230 19.62 -4.87 -1.76
CA GLY A 230 18.87 -6.04 -1.27
C GLY A 230 18.92 -7.25 -2.20
N TYR A 231 18.38 -8.37 -1.73
CA TYR A 231 18.53 -9.71 -2.33
C TYR A 231 17.28 -10.09 -3.15
N MET A 232 16.17 -9.37 -3.00
CA MET A 232 14.89 -9.64 -3.70
C MET A 232 14.14 -8.34 -3.95
N TRP A 233 13.56 -8.21 -5.15
CA TRP A 233 12.82 -6.98 -5.52
C TRP A 233 11.36 -7.33 -5.78
N GLU A 234 10.48 -7.00 -4.82
CA GLU A 234 9.03 -7.31 -4.87
C GLU A 234 8.21 -6.13 -5.40
N CYS A 235 6.96 -6.43 -5.78
CA CYS A 235 5.88 -5.47 -6.13
C CYS A 235 6.43 -4.32 -6.98
N PRO A 236 7.07 -4.63 -8.11
CA PRO A 236 7.57 -3.58 -8.98
C PRO A 236 6.42 -2.86 -9.67
N ASP A 237 6.74 -1.69 -10.20
CA ASP A 237 5.79 -0.81 -10.91
C ASP A 237 6.58 0.13 -11.80
N LEU A 238 5.96 0.54 -12.89
CA LEU A 238 6.59 1.50 -13.81
C LEU A 238 5.52 2.35 -14.49
N PHE A 239 5.69 3.66 -14.43
CA PHE A 239 4.70 4.63 -14.97
C PHE A 239 5.36 5.98 -15.18
N GLU A 240 4.69 6.80 -15.99
CA GLU A 240 5.10 8.19 -16.28
C GLU A 240 4.47 9.12 -15.26
N LEU A 241 5.26 10.05 -14.72
CA LEU A 241 4.83 11.11 -13.76
C LEU A 241 5.73 12.34 -13.96
N GLY A 242 5.14 13.51 -14.14
CA GLY A 242 5.84 14.78 -14.38
C GLY A 242 6.90 14.66 -15.47
N GLY A 243 6.57 13.89 -16.51
CA GLY A 243 7.38 13.77 -17.73
C GLY A 243 8.56 12.83 -17.58
N LYS A 244 8.64 12.09 -16.46
CA LYS A 244 9.71 11.12 -16.19
C LYS A 244 9.12 9.72 -15.99
N THR A 245 9.93 8.70 -16.20
CA THR A 245 9.57 7.32 -15.86
C THR A 245 9.91 7.11 -14.40
N ILE A 246 8.90 6.67 -13.64
CA ILE A 246 9.07 6.21 -12.24
C ILE A 246 9.19 4.68 -12.24
N PHE A 247 10.25 4.19 -11.62
CA PHE A 247 10.38 2.76 -11.23
C PHE A 247 10.18 2.66 -9.72
N LEU A 248 9.03 2.10 -9.31
CA LEU A 248 8.56 2.04 -7.90
C LEU A 248 8.50 0.56 -7.51
N TRP A 249 9.11 0.20 -6.40
CA TRP A 249 9.14 -1.23 -6.01
C TRP A 249 9.47 -1.39 -4.54
N SER A 250 9.47 -2.62 -4.08
CA SER A 250 9.53 -2.94 -2.63
C SER A 250 10.75 -3.83 -2.43
N PRO A 251 11.99 -3.25 -2.40
CA PRO A 251 13.18 -4.06 -2.20
C PRO A 251 13.26 -4.68 -0.79
N GLN A 252 13.83 -5.88 -0.73
CA GLN A 252 14.05 -6.62 0.53
C GLN A 252 15.55 -6.80 0.73
N GLY A 253 16.06 -6.44 1.91
CA GLY A 253 17.46 -6.66 2.29
C GLY A 253 18.29 -5.38 2.37
N LEU A 254 17.72 -4.18 2.23
CA LEU A 254 18.47 -2.94 2.55
C LEU A 254 18.84 -2.95 4.03
N GLU A 255 20.02 -2.46 4.37
CA GLU A 255 20.39 -2.21 5.79
C GLU A 255 19.91 -0.82 6.20
N PRO A 256 19.50 -0.65 7.47
CA PRO A 256 19.15 0.66 7.99
C PRO A 256 20.36 1.57 7.77
N LYS A 257 20.12 2.80 7.34
CA LYS A 257 21.17 3.81 7.08
C LYS A 257 20.74 5.12 7.74
N GLY A 258 21.33 5.46 8.89
CA GLY A 258 20.87 6.61 9.68
C GLY A 258 19.38 6.48 9.98
N ASP A 259 18.59 7.47 9.60
CA ASP A 259 17.13 7.51 9.87
C ASP A 259 16.36 6.66 8.86
N ARG A 260 16.99 6.20 7.77
CA ARG A 260 16.25 5.58 6.63
C ARG A 260 16.30 4.05 6.69
N TYR A 261 15.31 3.43 6.00
CA TYR A 261 15.21 1.98 5.78
C TYR A 261 15.11 1.21 7.11
N LYS A 262 14.43 1.73 8.14
CA LYS A 262 14.36 1.00 9.44
C LYS A 262 13.28 -0.09 9.41
N ASN A 263 12.26 0.01 8.54
CA ASN A 263 11.23 -1.07 8.47
C ASN A 263 11.91 -2.36 8.04
N THR A 264 11.28 -3.51 8.33
CA THR A 264 11.74 -4.85 7.86
C THR A 264 12.12 -4.78 6.37
N TYR A 265 11.22 -4.24 5.55
CA TYR A 265 11.42 -4.10 4.08
C TYR A 265 10.96 -2.71 3.66
N GLN A 266 11.45 -2.28 2.50
CA GLN A 266 11.26 -0.89 2.01
C GLN A 266 10.36 -0.84 0.78
N THR A 267 9.79 0.36 0.55
CA THR A 267 9.12 0.74 -0.71
C THR A 267 9.68 2.08 -1.15
N GLY A 268 10.15 2.15 -2.39
CA GLY A 268 10.72 3.38 -2.93
C GLY A 268 10.94 3.34 -4.41
N TYR A 269 11.58 4.36 -4.94
CA TYR A 269 11.61 4.57 -6.40
C TYR A 269 12.94 5.15 -6.85
N TYR A 270 13.18 4.92 -8.14
CA TYR A 270 14.19 5.61 -8.98
C TYR A 270 13.43 6.51 -9.96
N ILE A 271 14.08 7.60 -10.37
CA ILE A 271 13.57 8.51 -11.42
C ILE A 271 14.44 8.31 -12.66
N GLY A 272 13.80 8.23 -13.83
CA GLY A 272 14.58 8.00 -15.04
C GLY A 272 13.73 8.12 -16.29
N GLU A 273 14.09 7.31 -17.27
CA GLU A 273 13.44 7.30 -18.59
C GLU A 273 13.53 5.89 -19.15
N LEU A 274 12.38 5.28 -19.39
CA LEU A 274 12.33 3.99 -20.11
C LEU A 274 12.35 4.29 -21.61
N ASP A 275 13.34 3.76 -22.31
CA ASP A 275 13.47 3.85 -23.78
C ASP A 275 12.74 2.64 -24.36
N TYR A 276 11.63 2.85 -25.07
CA TYR A 276 10.76 1.77 -25.58
C TYR A 276 11.35 1.18 -26.88
N GLU A 277 12.52 1.64 -27.32
CA GLU A 277 13.22 1.05 -28.49
C GLU A 277 14.39 0.20 -28.02
N THR A 278 15.14 0.63 -27.00
CA THR A 278 16.28 -0.16 -26.46
C THR A 278 15.85 -0.95 -25.23
N PHE A 279 14.72 -0.62 -24.60
CA PHE A 279 14.20 -1.23 -23.35
C PHE A 279 15.18 -1.00 -22.19
N GLU A 280 15.98 0.07 -22.26
CA GLU A 280 16.89 0.49 -21.16
C GLU A 280 16.14 1.50 -20.27
N PHE A 281 16.24 1.32 -18.95
CA PHE A 281 15.72 2.33 -17.99
C PHE A 281 16.90 3.18 -17.54
N LYS A 282 17.01 4.41 -18.06
CA LYS A 282 18.17 5.30 -17.84
C LYS A 282 17.94 6.06 -16.54
N THR A 283 18.78 5.86 -15.53
CA THR A 283 18.55 6.41 -14.19
C THR A 283 19.91 6.58 -13.50
N ASP A 284 19.97 7.46 -12.52
CA ASP A 284 21.16 7.64 -11.65
C ASP A 284 21.15 6.63 -10.49
N LYS A 285 20.06 5.87 -10.33
CA LYS A 285 19.88 4.88 -9.22
C LYS A 285 19.96 5.59 -7.87
N TYR A 286 19.42 6.81 -7.80
CA TYR A 286 19.18 7.54 -6.53
C TYR A 286 17.85 7.05 -5.95
N PHE A 287 17.95 6.27 -4.88
CA PHE A 287 16.76 5.65 -4.24
C PHE A 287 16.16 6.62 -3.25
N GLN A 288 14.83 6.72 -3.23
CA GLN A 288 14.07 7.43 -2.17
C GLN A 288 12.99 6.53 -1.61
N GLU A 289 12.81 6.49 -0.29
CA GLU A 289 11.62 5.88 0.33
C GLU A 289 10.40 6.74 -0.02
N LEU A 290 9.28 6.09 -0.37
CA LEU A 290 8.00 6.79 -0.71
C LEU A 290 7.33 7.31 0.56
N ASP A 291 7.20 6.48 1.59
CA ASP A 291 6.49 6.73 2.85
C ASP A 291 7.46 6.43 4.02
N TYR A 292 7.53 7.37 4.95
CA TYR A 292 8.52 7.38 6.06
C TYR A 292 7.95 6.69 7.30
N GLY A 293 6.73 6.15 7.21
CA GLY A 293 6.05 5.58 8.38
C GLY A 293 6.48 4.18 8.73
N HIS A 294 5.86 3.61 9.77
CA HIS A 294 6.20 2.27 10.30
C HIS A 294 5.63 1.13 9.47
N ASP A 295 4.56 1.38 8.73
CA ASP A 295 3.67 0.27 8.25
C ASP A 295 3.22 0.61 6.83
N PHE A 296 4.15 0.58 5.90
CA PHE A 296 3.89 0.87 4.48
C PHE A 296 4.77 -0.06 3.65
N TYR A 297 4.12 -0.87 2.82
CA TYR A 297 4.82 -1.82 1.93
C TYR A 297 3.89 -2.19 0.76
N ALA A 298 4.44 -2.52 -0.39
CA ALA A 298 3.75 -3.24 -1.48
C ALA A 298 2.62 -2.39 -2.06
N THR A 299 2.86 -1.68 -3.16
CA THR A 299 1.94 -0.66 -3.70
C THR A 299 1.28 -1.16 -4.98
N GLN A 300 0.18 -0.50 -5.35
CA GLN A 300 -0.42 -0.56 -6.71
C GLN A 300 -0.64 0.87 -7.18
N THR A 301 -0.68 1.10 -8.49
CA THR A 301 -1.08 2.41 -9.01
C THR A 301 -2.02 2.19 -10.18
N ILE A 302 -2.76 3.24 -10.51
CA ILE A 302 -3.57 3.26 -11.75
C ILE A 302 -3.55 4.71 -12.20
N GLN A 303 -3.79 4.97 -13.48
CA GLN A 303 -3.84 6.34 -14.02
C GLN A 303 -5.16 6.52 -14.75
N GLY A 304 -5.82 7.66 -14.55
CA GLY A 304 -6.93 8.15 -15.39
C GLY A 304 -7.24 9.60 -15.10
N ASP A 305 -7.81 10.30 -16.08
CA ASP A 305 -8.23 11.72 -15.99
C ASP A 305 -7.00 12.58 -15.63
N GLY A 306 -5.81 12.19 -16.13
CA GLY A 306 -4.55 12.93 -15.95
C GLY A 306 -3.96 12.74 -14.57
N LYS A 307 -4.60 11.95 -13.71
CA LYS A 307 -4.15 11.71 -12.31
C LYS A 307 -3.46 10.36 -12.20
N THR A 308 -2.62 10.21 -11.17
CA THR A 308 -1.99 8.93 -10.83
C THR A 308 -2.35 8.65 -9.37
N TYR A 309 -2.98 7.50 -9.15
CA TYR A 309 -3.49 7.06 -7.83
C TYR A 309 -2.65 5.87 -7.36
N LEU A 310 -2.39 5.83 -6.06
CA LEU A 310 -1.53 4.80 -5.41
C LEU A 310 -2.24 4.31 -4.14
N ILE A 311 -2.06 3.05 -3.77
CA ILE A 311 -2.52 2.48 -2.48
C ILE A 311 -1.48 1.44 -2.06
N GLY A 312 -1.32 1.27 -0.76
CA GLY A 312 -0.35 0.32 -0.24
C GLY A 312 -0.97 -0.54 0.81
N TRP A 313 -0.25 -1.58 1.20
CA TRP A 313 -0.56 -2.42 2.37
C TRP A 313 -0.19 -1.67 3.65
N PHE A 314 -1.13 -1.55 4.58
CA PHE A 314 -0.96 -0.80 5.85
C PHE A 314 -0.59 -1.77 6.96
N ASN A 315 0.58 -2.39 6.83
CA ASN A 315 1.18 -3.33 7.81
C ASN A 315 2.63 -3.61 7.39
N MET A 316 3.34 -4.43 8.15
CA MET A 316 4.77 -4.70 7.88
C MET A 316 5.06 -6.15 8.26
N TRP A 317 5.86 -6.82 7.42
CA TRP A 317 6.34 -8.20 7.66
C TRP A 317 7.16 -8.25 8.94
N GLU A 318 6.96 -9.33 9.70
CA GLU A 318 7.93 -9.84 10.71
C GLU A 318 7.98 -8.89 11.90
N VAL A 319 6.90 -8.15 12.16
CA VAL A 319 6.75 -7.30 13.37
C VAL A 319 5.38 -7.59 13.97
N PRO A 320 5.16 -7.31 15.28
CA PRO A 320 3.87 -7.58 15.90
C PRO A 320 2.74 -6.84 15.16
N HIS A 321 1.61 -7.52 15.02
CA HIS A 321 0.32 -6.95 14.54
C HIS A 321 -0.66 -6.96 15.72
N LEU A 322 -0.90 -5.81 16.33
CA LEU A 322 -1.70 -5.74 17.58
C LEU A 322 -3.16 -6.18 17.33
N GLU A 323 -3.64 -6.13 16.08
CA GLU A 323 -5.02 -6.59 15.74
C GLU A 323 -5.09 -8.11 15.58
N GLU A 324 -3.98 -8.82 15.45
CA GLU A 324 -3.96 -10.28 15.12
C GLU A 324 -4.86 -11.12 16.04
N GLU A 325 -4.84 -10.89 17.35
CA GLU A 325 -5.60 -11.71 18.32
C GLU A 325 -7.11 -11.44 18.17
N ASP A 326 -7.51 -10.40 17.45
CA ASP A 326 -8.93 -10.01 17.26
C ASP A 326 -9.53 -10.74 16.05
N GLY A 327 -8.78 -11.61 15.38
CA GLY A 327 -9.26 -12.51 14.30
C GLY A 327 -9.06 -11.94 12.90
N TRP A 328 -8.25 -10.91 12.74
CA TRP A 328 -7.98 -10.31 11.40
C TRP A 328 -6.62 -9.62 11.47
N ALA A 329 -6.04 -9.32 10.31
CA ALA A 329 -4.81 -8.50 10.21
C ALA A 329 -4.77 -7.78 8.87
N GLY A 330 -4.43 -6.49 8.94
CA GLY A 330 -4.06 -5.66 7.77
C GLY A 330 -5.21 -4.81 7.29
N THR A 331 -4.89 -3.64 6.75
CA THR A 331 -5.81 -2.74 6.01
C THR A 331 -5.04 -2.26 4.78
N THR A 332 -5.74 -1.62 3.84
CA THR A 332 -5.05 -0.74 2.88
C THR A 332 -4.80 0.64 3.50
N THR A 333 -3.93 1.40 2.85
CA THR A 333 -3.77 2.86 3.09
C THR A 333 -4.96 3.61 2.49
N LEU A 334 -5.10 4.88 2.81
CA LEU A 334 -5.90 5.75 1.93
C LEU A 334 -5.33 5.66 0.52
N VAL A 335 -6.18 5.82 -0.49
CA VAL A 335 -5.68 6.12 -1.85
C VAL A 335 -5.02 7.49 -1.84
N ARG A 336 -3.81 7.62 -2.43
CA ARG A 336 -3.12 8.93 -2.60
C ARG A 336 -3.08 9.31 -4.08
N GLU A 337 -3.21 10.61 -4.36
CA GLU A 337 -2.85 11.20 -5.67
C GLU A 337 -1.35 11.50 -5.67
N LEU A 338 -0.65 11.18 -6.76
CA LEU A 338 0.81 11.42 -6.90
C LEU A 338 1.07 12.63 -7.81
N GLN A 339 2.13 13.39 -7.47
CA GLN A 339 2.75 14.38 -8.37
C GLN A 339 4.26 14.30 -8.21
N LEU A 340 4.99 14.75 -9.23
CA LEU A 340 6.47 14.85 -9.16
C LEU A 340 6.82 16.33 -9.06
N ILE A 341 7.25 16.76 -7.88
CA ILE A 341 7.64 18.16 -7.68
C ILE A 341 9.16 18.14 -7.51
N GLY A 342 9.87 18.74 -8.46
CA GLY A 342 11.34 18.60 -8.54
C GLY A 342 11.71 17.12 -8.57
N THR A 343 12.40 16.61 -7.55
CA THR A 343 12.82 15.18 -7.47
C THR A 343 11.94 14.35 -6.57
N ARG A 344 10.87 14.92 -6.00
CA ARG A 344 10.09 14.25 -4.93
C ARG A 344 8.70 13.87 -5.43
N ILE A 345 8.33 12.61 -5.26
CA ILE A 345 6.91 12.19 -5.46
C ILE A 345 6.13 12.61 -4.20
N THR A 346 5.19 13.53 -4.39
CA THR A 346 4.23 13.94 -3.35
C THR A 346 3.04 12.99 -3.34
N MET A 347 2.51 12.76 -2.14
CA MET A 347 1.25 12.00 -1.89
C MET A 347 0.27 12.90 -1.15
N ASN A 348 -0.99 12.92 -1.62
CA ASN A 348 -2.08 13.67 -0.97
C ASN A 348 -3.29 12.75 -0.97
N PRO A 349 -4.19 12.91 0.02
CA PRO A 349 -5.47 12.19 0.00
C PRO A 349 -6.28 12.67 -1.20
N LEU A 350 -7.30 11.91 -1.59
CA LEU A 350 -8.11 12.23 -2.79
C LEU A 350 -8.76 13.61 -2.62
N GLU A 351 -8.92 14.28 -3.75
CA GLU A 351 -9.50 15.63 -3.88
C GLU A 351 -10.84 15.69 -3.13
N GLY A 352 -11.61 14.59 -3.08
CA GLY A 352 -12.95 14.54 -2.46
C GLY A 352 -13.04 13.78 -1.13
N ILE A 353 -11.93 13.54 -0.43
CA ILE A 353 -11.95 12.82 0.87
C ILE A 353 -12.75 13.64 1.91
N GLN A 354 -12.89 14.94 1.67
CA GLN A 354 -13.66 15.92 2.48
C GLN A 354 -15.11 15.44 2.69
N ASP A 355 -15.61 14.57 1.80
CA ASP A 355 -16.98 14.00 1.87
C ASP A 355 -17.11 13.08 3.10
N LEU A 356 -16.01 12.58 3.66
CA LEU A 356 -16.06 11.72 4.89
C LEU A 356 -16.45 12.55 6.12
N ARG A 357 -16.31 13.88 6.08
CA ARG A 357 -16.37 14.74 7.30
C ARG A 357 -17.79 14.77 7.87
N THR A 358 -17.97 14.45 9.15
CA THR A 358 -19.28 14.60 9.83
C THR A 358 -19.21 15.84 10.73
N ASP A 359 -18.97 15.63 12.02
CA ASP A 359 -18.90 16.71 13.04
C ASP A 359 -17.66 17.55 12.76
N SER A 360 -17.81 18.88 12.79
CA SER A 360 -16.72 19.87 13.06
C SER A 360 -16.40 19.87 14.55
N VAL A 361 -15.21 19.44 14.96
CA VAL A 361 -14.82 19.21 16.39
C VAL A 361 -14.08 20.45 16.92
N HIS A 362 -13.25 21.11 16.12
CA HIS A 362 -12.45 22.28 16.56
C HIS A 362 -12.16 23.18 15.38
N ASN A 363 -12.00 24.48 15.64
CA ASN A 363 -11.54 25.53 14.69
C ASN A 363 -10.80 26.60 15.47
N GLY A 364 -9.61 27.00 15.03
CA GLY A 364 -8.86 28.10 15.66
C GLY A 364 -7.94 27.58 16.75
N ASP A 365 -7.66 28.42 17.75
CA ASP A 365 -6.48 28.26 18.63
C ASP A 365 -6.65 26.96 19.42
N LEU A 366 -5.57 26.17 19.52
CA LEU A 366 -5.47 25.07 20.48
C LEU A 366 -4.25 25.35 21.37
N GLU A 367 -4.50 25.82 22.59
CA GLU A 367 -3.45 26.31 23.52
C GLU A 367 -2.56 25.14 23.95
N PRO A 368 -1.35 25.42 24.48
CA PRO A 368 -0.51 24.36 25.06
C PRO A 368 -1.31 23.58 26.10
N GLN A 369 -1.25 22.24 26.02
CA GLN A 369 -1.85 21.27 26.99
C GLN A 369 -3.37 21.13 26.73
N GLN A 370 -3.94 21.83 25.77
CA GLN A 370 -5.37 21.70 25.42
C GLN A 370 -5.51 20.47 24.51
N ALA A 371 -6.60 19.72 24.65
CA ALA A 371 -6.84 18.49 23.87
C ALA A 371 -8.20 18.56 23.17
N ILE A 372 -8.33 17.80 22.08
CA ILE A 372 -9.58 17.57 21.30
C ILE A 372 -9.94 16.09 21.39
N GLU A 373 -11.22 15.79 21.65
CA GLU A 373 -11.77 14.41 21.68
C GLU A 373 -12.52 14.10 20.38
N PHE A 374 -12.28 12.91 19.84
CA PHE A 374 -12.93 12.35 18.64
C PHE A 374 -13.59 11.03 19.04
N GLY A 375 -14.24 10.38 18.09
CA GLY A 375 -14.49 8.94 18.16
C GLY A 375 -13.28 8.15 17.67
N PRO A 376 -13.49 7.03 16.96
CA PRO A 376 -12.41 6.24 16.39
C PRO A 376 -11.72 6.90 15.17
N THR A 377 -12.30 7.98 14.63
CA THR A 377 -11.83 8.68 13.40
C THR A 377 -11.57 10.16 13.65
N ALA A 378 -10.58 10.72 12.94
CA ALA A 378 -10.19 12.15 13.04
C ALA A 378 -9.53 12.59 11.74
N GLU A 379 -9.84 13.81 11.32
CA GLU A 379 -9.05 14.58 10.35
C GLU A 379 -8.65 15.87 11.05
N ILE A 380 -7.36 16.18 11.06
CA ILE A 380 -6.81 17.39 11.73
C ILE A 380 -5.93 18.11 10.73
N ILE A 381 -6.28 19.34 10.40
CA ILE A 381 -5.38 20.25 9.65
C ILE A 381 -4.77 21.21 10.69
N LEU A 382 -3.47 21.16 10.92
CA LEU A 382 -2.87 22.05 11.94
C LEU A 382 -1.77 22.91 11.33
N GLN A 383 -1.57 24.09 11.90
CA GLN A 383 -0.44 24.98 11.59
C GLN A 383 0.12 25.56 12.88
N GLY A 384 1.44 25.62 12.94
CA GLY A 384 2.18 26.28 14.02
C GLY A 384 3.29 27.11 13.42
N CYS A 385 4.09 27.76 14.26
CA CYS A 385 5.34 28.45 13.85
C CYS A 385 6.46 27.41 13.79
N LEU A 386 7.16 27.29 12.65
CA LEU A 386 8.19 26.23 12.52
C LEU A 386 9.48 26.68 13.21
N ASP A 387 9.52 27.87 13.80
CA ASP A 387 10.68 28.31 14.64
C ASP A 387 10.54 27.71 16.03
N GLN A 388 9.39 27.10 16.37
CA GLN A 388 9.16 26.49 17.71
C GLN A 388 8.77 25.03 17.56
N LYS A 389 9.00 24.24 18.62
CA LYS A 389 8.60 22.81 18.64
C LYS A 389 7.09 22.71 18.46
N ILE A 390 6.66 21.75 17.63
CA ILE A 390 5.25 21.28 17.52
C ILE A 390 5.24 19.83 18.03
N GLU A 391 4.26 19.49 18.87
CA GLU A 391 4.12 18.10 19.34
C GLU A 391 2.65 17.83 19.67
N LEU A 392 2.12 16.76 19.06
CA LEU A 392 0.79 16.19 19.37
C LEU A 392 1.00 14.90 20.14
N LEU A 393 0.23 14.72 21.20
CA LEU A 393 0.17 13.43 21.94
C LEU A 393 -1.17 12.78 21.62
N ILE A 394 -1.12 11.62 20.99
CA ILE A 394 -2.28 10.82 20.50
C ILE A 394 -2.42 9.57 21.37
N GLN A 395 -3.58 9.38 21.97
CA GLN A 395 -3.85 8.31 22.97
C GLN A 395 -5.37 8.12 23.07
N GLY A 396 -5.78 6.94 23.52
CA GLY A 396 -7.18 6.58 23.72
C GLY A 396 -7.74 7.34 24.91
N LYS A 397 -9.03 7.59 24.88
CA LYS A 397 -9.75 8.26 26.00
C LYS A 397 -9.59 7.46 27.31
N GLU A 398 -9.48 6.12 27.26
CA GLU A 398 -9.29 5.30 28.47
C GLU A 398 -7.79 5.05 28.74
N GLY A 399 -6.90 5.76 28.06
CA GLY A 399 -5.43 5.67 28.25
C GLY A 399 -4.79 4.64 27.33
N GLY A 400 -3.64 4.11 27.72
CA GLY A 400 -2.93 3.09 26.94
C GLY A 400 -1.80 3.64 26.09
N LEU A 401 -1.49 2.97 24.99
CA LEU A 401 -0.25 3.20 24.22
C LEU A 401 -0.36 4.59 23.62
N VAL A 402 0.77 5.30 23.57
CA VAL A 402 0.86 6.69 23.04
C VAL A 402 1.63 6.70 21.73
N THR A 403 1.20 7.58 20.83
CA THR A 403 1.97 8.01 19.66
C THR A 403 2.13 9.53 19.70
N THR A 404 3.35 9.99 19.43
CA THR A 404 3.65 11.44 19.39
CA THR A 404 3.74 11.41 19.42
C THR A 404 4.09 11.80 17.98
N VAL A 405 3.62 12.94 17.51
CA VAL A 405 4.05 13.53 16.23
C VAL A 405 4.72 14.88 16.56
N THR A 406 5.97 15.06 16.16
CA THR A 406 6.85 16.17 16.63
C THR A 406 7.52 16.85 15.45
N TRP A 407 7.50 18.18 15.46
CA TRP A 407 8.46 19.01 14.69
C TRP A 407 9.51 19.56 15.65
N ASP A 408 10.77 19.18 15.44
CA ASP A 408 11.92 19.65 16.26
C ASP A 408 12.73 20.60 15.40
N PRO A 409 12.60 21.93 15.62
CA PRO A 409 13.25 22.91 14.76
C PRO A 409 14.77 22.91 14.92
N GLU A 410 15.28 22.34 16.01
CA GLU A 410 16.74 22.29 16.30
C GLU A 410 17.46 21.38 15.32
N VAL A 411 16.82 20.29 14.87
CA VAL A 411 17.37 19.29 13.90
C VAL A 411 16.58 19.37 12.57
N GLY A 412 15.47 20.09 12.52
CA GLY A 412 14.73 20.27 11.26
C GLY A 412 14.07 18.98 10.82
N LYS A 413 13.55 18.18 11.77
CA LYS A 413 12.93 16.87 11.49
C LYS A 413 11.49 16.77 11.99
N VAL A 414 10.66 16.09 11.21
CA VAL A 414 9.36 15.51 11.64
C VAL A 414 9.63 14.12 12.23
N ILE A 415 9.11 13.86 13.43
CA ILE A 415 9.39 12.64 14.23
C ILE A 415 8.05 12.01 14.60
N VAL A 416 7.82 10.77 14.17
CA VAL A 416 6.65 9.96 14.61
C VAL A 416 7.16 8.87 15.55
N ASN A 417 6.80 9.00 16.83
CA ASN A 417 7.25 8.06 17.87
C ASN A 417 6.05 7.19 18.23
N ARG A 418 5.99 5.99 17.64
CA ARG A 418 4.86 5.05 17.81
C ARG A 418 5.23 4.09 18.94
N SER A 419 4.73 4.37 20.12
CA SER A 419 4.95 3.49 21.32
C SER A 419 6.45 3.19 21.49
N GLY A 420 7.31 4.22 21.31
CA GLY A 420 8.77 4.17 21.55
C GLY A 420 9.58 3.94 20.28
N GLU A 421 8.99 3.48 19.16
CA GLU A 421 9.74 3.21 17.91
C GLU A 421 9.70 4.47 17.05
N VAL A 422 10.87 4.99 16.70
CA VAL A 422 10.97 6.32 16.05
C VAL A 422 11.09 6.14 14.54
N ARG A 423 10.35 6.93 13.79
CA ARG A 423 10.60 7.22 12.36
C ARG A 423 10.71 8.73 12.26
N GLN A 424 11.75 9.22 11.60
CA GLN A 424 11.96 10.67 11.49
C GLN A 424 12.63 10.97 10.16
N VAL A 425 12.47 12.21 9.70
CA VAL A 425 13.11 12.70 8.45
C VAL A 425 13.21 14.24 8.48
N GLU A 426 14.28 14.75 7.87
CA GLU A 426 14.45 16.18 7.58
C GLU A 426 13.28 16.60 6.70
N TRP A 427 12.67 17.75 7.03
CA TRP A 427 11.57 18.32 6.24
C TRP A 427 11.98 19.71 5.78
N VAL A 428 12.03 19.90 4.46
CA VAL A 428 12.21 21.24 3.82
C VAL A 428 10.88 21.53 3.15
N PRO A 429 10.04 22.44 3.69
CA PRO A 429 8.72 22.66 3.11
C PRO A 429 8.82 23.22 1.69
N ILE A 430 8.16 22.55 0.76
CA ILE A 430 7.97 23.00 -0.65
C ILE A 430 7.23 24.35 -0.66
N GLY A 431 6.18 24.46 0.15
CA GLY A 431 5.29 25.62 0.18
C GLY A 431 4.51 25.68 1.48
N LYS A 432 3.30 25.13 1.51
CA LYS A 432 2.46 25.06 2.74
C LYS A 432 3.24 24.46 3.91
N THR A 433 3.06 24.99 5.11
CA THR A 433 3.74 24.51 6.34
C THR A 433 2.73 23.78 7.25
N SER A 434 1.49 23.64 6.83
CA SER A 434 0.41 22.95 7.56
C SER A 434 0.62 21.44 7.46
N TRP A 435 0.10 20.70 8.43
CA TRP A 435 0.00 19.22 8.43
C TRP A 435 -1.46 18.81 8.34
N ARG A 436 -1.73 17.71 7.62
CA ARG A 436 -3.06 17.08 7.56
C ARG A 436 -2.93 15.64 8.08
N LEU A 437 -3.63 15.33 9.15
CA LEU A 437 -3.47 14.05 9.90
C LEU A 437 -4.80 13.30 9.85
N PHE A 438 -4.78 12.06 9.39
CA PHE A 438 -5.95 11.15 9.41
C PHE A 438 -5.73 10.04 10.46
N LEU A 439 -6.63 9.94 11.43
CA LEU A 439 -6.67 8.79 12.35
C LEU A 439 -7.88 7.93 11.98
N ASP A 440 -7.68 6.61 11.96
CA ASP A 440 -8.74 5.58 11.92
C ASP A 440 -8.57 4.75 13.20
N ALA A 441 -9.45 3.77 13.40
CA ALA A 441 -9.55 2.99 14.64
C ALA A 441 -8.16 2.44 15.03
N SER A 442 -7.33 2.04 14.06
CA SER A 442 -5.95 1.59 14.36
C SER A 442 -4.94 2.10 13.33
N SER A 443 -5.00 3.37 12.93
CA SER A 443 -4.04 3.88 11.93
C SER A 443 -3.89 5.42 11.99
N LEU A 444 -2.74 5.87 11.51
CA LEU A 444 -2.32 7.28 11.40
C LEU A 444 -1.70 7.48 10.01
N GLU A 445 -2.12 8.51 9.31
CA GLU A 445 -1.46 9.01 8.08
C GLU A 445 -1.26 10.50 8.26
N LEU A 446 -0.01 10.93 8.27
CA LEU A 446 0.40 12.33 8.43
C LEU A 446 0.90 12.82 7.07
N PHE A 447 0.22 13.80 6.50
CA PHE A 447 0.62 14.49 5.25
C PHE A 447 1.20 15.87 5.60
N CYS A 448 2.52 16.03 5.48
CA CYS A 448 3.21 17.29 5.77
C CYS A 448 3.25 18.13 4.49
N GLY A 449 2.84 19.37 4.61
CA GLY A 449 2.99 20.37 3.56
C GLY A 449 2.17 20.02 2.34
N GLU A 450 2.83 19.99 1.20
CA GLU A 450 2.16 19.65 -0.07
C GLU A 450 2.32 18.15 -0.38
N GLY A 451 2.62 17.35 0.65
CA GLY A 451 2.68 15.88 0.52
C GLY A 451 4.08 15.33 0.26
N GLU A 452 5.12 16.15 0.42
CA GLU A 452 6.53 15.76 0.18
C GLU A 452 7.00 14.82 1.30
N VAL A 453 6.40 14.91 2.47
CA VAL A 453 6.79 14.10 3.66
C VAL A 453 5.52 13.51 4.24
N VAL A 454 5.39 12.18 4.14
CA VAL A 454 4.19 11.43 4.56
C VAL A 454 4.64 10.26 5.43
N PHE A 455 3.98 10.08 6.57
CA PHE A 455 4.17 8.90 7.44
C PHE A 455 2.86 8.13 7.59
N SER A 456 2.89 6.83 7.26
CA SER A 456 1.79 5.88 7.50
C SER A 456 2.20 4.82 8.53
N SER A 457 1.53 4.83 9.68
CA SER A 457 1.85 3.96 10.83
C SER A 457 0.55 3.44 11.45
N ARG A 458 0.51 2.15 11.74
CA ARG A 458 -0.59 1.52 12.52
C ARG A 458 -0.38 1.97 13.98
N ILE A 459 -1.45 2.42 14.62
CA ILE A 459 -1.46 2.91 16.02
C ILE A 459 -2.65 2.26 16.74
N PHE A 460 -2.43 1.93 18.02
CA PHE A 460 -3.35 1.15 18.90
C PHE A 460 -3.35 1.81 20.27
N SER A 461 -4.53 2.01 20.85
CA SER A 461 -4.68 2.61 22.20
C SER A 461 -6.05 2.20 22.77
N ASP A 462 -6.44 2.72 23.92
CA ASP A 462 -7.68 2.26 24.61
C ASP A 462 -8.75 3.32 24.44
N GLY A 463 -9.60 3.15 23.42
CA GLY A 463 -10.82 3.95 23.28
C GLY A 463 -10.71 5.01 22.18
N ASP A 464 -11.69 5.92 22.18
CA ASP A 464 -11.81 7.01 21.19
C ASP A 464 -10.54 7.88 21.27
N TRP A 465 -10.12 8.44 20.15
CA TRP A 465 -8.88 9.24 20.08
C TRP A 465 -9.04 10.57 20.83
N VAL A 466 -8.04 10.88 21.65
CA VAL A 466 -7.83 12.22 22.24
C VAL A 466 -6.49 12.70 21.68
N VAL A 467 -6.47 13.89 21.09
CA VAL A 467 -5.23 14.54 20.59
C VAL A 467 -4.93 15.78 21.43
N LYS A 468 -3.79 15.79 22.11
CA LYS A 468 -3.38 16.90 22.99
C LYS A 468 -2.24 17.68 22.35
N ASN A 469 -2.29 19.01 22.47
CA ASN A 469 -1.20 19.93 22.10
C ASN A 469 -0.12 19.92 23.20
N SER A 470 1.01 19.25 22.96
CA SER A 470 2.20 19.18 23.84
C SER A 470 3.21 20.26 23.45
N SER A 471 2.91 21.07 22.41
CA SER A 471 3.78 22.16 21.94
C SER A 471 3.93 23.25 23.02
N PRO A 472 5.07 23.95 23.07
CA PRO A 472 5.16 25.18 23.87
C PRO A 472 4.49 26.39 23.18
N GLN A 473 3.71 26.18 22.12
CA GLN A 473 3.06 27.28 21.35
C GLN A 473 1.60 26.87 21.12
N THR A 474 0.72 27.85 20.92
CA THR A 474 -0.68 27.64 20.47
C THR A 474 -0.66 27.23 19.00
N LEU A 475 -1.42 26.20 18.63
CA LEU A 475 -1.59 25.79 17.21
C LEU A 475 -2.93 26.31 16.68
N SER A 476 -3.01 26.48 15.36
CA SER A 476 -4.28 26.66 14.63
CA SER A 476 -4.28 26.67 14.62
C SER A 476 -4.73 25.29 14.15
N VAL A 477 -5.94 24.89 14.50
CA VAL A 477 -6.41 23.50 14.25
C VAL A 477 -7.84 23.50 13.74
N GLU A 478 -8.03 22.91 12.55
CA GLU A 478 -9.34 22.60 11.95
C GLU A 478 -9.50 21.10 12.02
N ALA A 479 -10.53 20.59 12.68
CA ALA A 479 -10.67 19.16 12.99
C ALA A 479 -12.09 18.68 12.79
N TYR A 480 -12.25 17.44 12.31
CA TYR A 480 -13.53 16.76 11.99
C TYR A 480 -13.51 15.31 12.50
N ARG A 481 -14.67 14.75 12.84
CA ARG A 481 -14.86 13.29 12.80
C ARG A 481 -15.19 12.88 11.38
N LEU A 482 -14.92 11.62 11.05
CA LEU A 482 -15.10 11.06 9.69
C LEU A 482 -16.06 9.86 9.75
N ARG A 483 -17.02 9.82 8.82
CA ARG A 483 -18.00 8.72 8.71
C ARG A 483 -17.29 7.47 8.22
N ARG A 484 -17.98 6.32 8.27
CA ARG A 484 -17.52 5.04 7.68
C ARG A 484 -17.69 5.10 6.17
N SER A 485 -16.81 4.40 5.45
CA SER A 485 -16.81 4.28 3.97
C SER A 485 -16.51 2.84 3.55
N VAL A 486 -16.29 1.92 4.51
CA VAL A 486 -15.98 0.49 4.22
C VAL A 486 -16.79 -0.39 5.16
N PRO A 487 -16.94 -1.71 4.86
CA PRO A 487 -17.68 -2.60 5.73
C PRO A 487 -16.98 -2.74 7.09
N ALA A 488 -17.75 -3.24 8.07
CA ALA A 488 -17.34 -3.45 9.48
C ALA A 488 -16.13 -4.38 9.55
#